data_6QJ1
#
_entry.id   6QJ1
#
_cell.length_a   47.320
_cell.length_b   107.980
_cell.length_c   174.250
_cell.angle_alpha   90.000
_cell.angle_beta   90.000
_cell.angle_gamma   90.000
#
_symmetry.space_group_name_H-M   'P 21 21 21'
#
loop_
_entity.id
_entity.type
_entity.pdbx_description
1 polymer 'Structural maintenance of chromosomes protein,Structural maintenance of chromosomes protein'
2 water water
#
_entity_poly.entity_id   1
_entity_poly.type   'polypeptide(L)'
_entity_poly.pdbx_seq_one_letter_code
;(MSE)RVTELIIDGFKSYAVRTVITGWDESFNAVTGLNGSGKSNILDAICFVLGITN(MSE)STVRAQNLQDLIYKRGQA
GVTKASVTIVFDNRDKKRSPIGFEEYATISVTRQIVLGGTTKYLINGHRAQQQTVQNLFQSVQLNINNPNFLI(MSE)QG
RITKVLN(MSE)KPAEILA(MSE)IEEAAGTR(MSE)FEDRKEKALKT(MSE)AKKDLKLQEITELLADEIEPKLEKLRQ
EKRAFLDFQQTQSGGSGGSLRKKINPKV(MSE)N(MSE)IDSVEKKE(MSE)SLKH(MSE)(MSE)KTVLKDKHKIEETI
ATLDEYKRKALQETWEKVNGDFGQIFNELLPGSFAKLEPPEGKDLTDGLEVKVRLGKVWKQSLTELSGGQRSLIALSLI
(MSE)ALLQFKPAP(MSE)YILDEVDAALDLSHTQNIGRLIKTRFKGSQFIVVSLKDG(MSE)FQNANRIFRVRFSEGTS
VVQALTPADLK
;
_entity_poly.pdbx_strand_id   A
#
# COMPACT_ATOMS: atom_id res chain seq x y z
N MSE A 1 9.38 -13.12 12.51
CA MSE A 1 10.43 -12.68 13.42
C MSE A 1 10.08 -11.36 14.09
O MSE A 1 9.43 -10.50 13.49
CB MSE A 1 11.77 -12.56 12.68
CG MSE A 1 11.73 -11.69 11.43
SE MSE A 1 13.50 -11.52 10.63
CE MSE A 1 14.35 -13.01 11.53
N ARG A 2 10.52 -11.20 15.33
CA ARG A 2 10.30 -9.97 16.08
C ARG A 2 11.62 -9.45 16.62
N VAL A 3 11.63 -8.19 17.02
CA VAL A 3 12.84 -7.54 17.52
C VAL A 3 13.06 -7.93 18.97
N THR A 4 14.31 -8.25 19.31
CA THR A 4 14.70 -8.49 20.69
C THR A 4 15.75 -7.51 21.20
N GLU A 5 16.55 -6.93 20.32
CA GLU A 5 17.65 -6.07 20.74
C GLU A 5 17.94 -5.04 19.66
N LEU A 6 18.26 -3.83 20.11
CA LEU A 6 18.65 -2.74 19.23
C LEU A 6 19.95 -2.14 19.75
N ILE A 7 20.96 -2.09 18.90
CA ILE A 7 22.28 -1.57 19.27
C ILE A 7 22.57 -0.36 18.39
N ILE A 8 22.79 0.79 19.02
CA ILE A 8 23.09 2.03 18.32
C ILE A 8 24.48 2.49 18.76
N ASP A 9 25.33 2.81 17.80
CA ASP A 9 26.73 3.15 18.08
C ASP A 9 27.15 4.29 17.15
N GLY A 10 27.48 5.45 17.74
CA GLY A 10 27.94 6.59 16.97
C GLY A 10 26.91 7.17 16.03
N PHE A 11 25.64 6.91 16.26
CA PHE A 11 24.56 7.29 15.35
C PHE A 11 23.74 8.40 15.99
N LYS A 12 23.81 9.60 15.42
CA LYS A 12 23.02 10.76 15.86
C LYS A 12 23.37 11.05 17.32
N SER A 13 22.39 11.17 18.21
CA SER A 13 22.69 11.55 19.59
C SER A 13 23.27 10.41 20.40
N TYR A 14 23.48 9.23 19.82
CA TYR A 14 24.05 8.09 20.54
C TYR A 14 25.54 8.03 20.22
N ALA A 15 26.31 8.84 20.97
CA ALA A 15 27.75 8.92 20.71
C ALA A 15 28.45 7.61 21.06
N VAL A 16 28.06 6.99 22.17
CA VAL A 16 28.68 5.76 22.61
C VAL A 16 27.85 4.59 22.11
N ARG A 17 28.41 3.38 22.22
CA ARG A 17 27.67 2.17 21.89
C ARG A 17 26.56 1.98 22.92
N THR A 18 25.31 1.90 22.45
CA THR A 18 24.15 1.80 23.33
C THR A 18 23.35 0.57 22.94
N VAL A 19 23.12 -0.31 23.92
CA VAL A 19 22.40 -1.55 23.70
C VAL A 19 21.03 -1.44 24.37
N ILE A 20 19.97 -1.59 23.58
CA ILE A 20 18.60 -1.56 24.06
C ILE A 20 18.04 -2.97 23.88
N THR A 21 17.91 -3.69 24.99
CA THR A 21 17.56 -5.11 24.96
C THR A 21 16.26 -5.36 25.70
N GLY A 22 15.76 -6.58 25.54
CA GLY A 22 14.53 -6.97 26.19
C GLY A 22 13.27 -6.47 25.53
N TRP A 23 13.27 -6.34 24.20
CA TRP A 23 12.09 -5.89 23.49
C TRP A 23 10.98 -6.93 23.60
N ASP A 24 9.76 -6.46 23.85
CA ASP A 24 8.64 -7.36 24.01
C ASP A 24 8.15 -7.86 22.65
N GLU A 25 7.55 -9.06 22.66
CA GLU A 25 7.05 -9.66 21.43
C GLU A 25 5.76 -9.03 20.94
N SER A 26 5.09 -8.24 21.77
CA SER A 26 3.76 -7.71 21.43
C SER A 26 3.73 -6.20 21.43
N PHE A 27 4.06 -5.55 22.55
CA PHE A 27 3.79 -4.13 22.73
C PHE A 27 5.00 -3.45 23.38
N ASN A 28 5.70 -2.63 22.61
CA ASN A 28 6.80 -1.81 23.10
C ASN A 28 6.46 -0.33 22.96
N ALA A 29 6.95 0.47 23.91
CA ALA A 29 6.71 1.91 23.91
C ALA A 29 8.02 2.64 24.13
N VAL A 30 8.38 3.51 23.20
CA VAL A 30 9.56 4.36 23.30
C VAL A 30 9.10 5.78 23.56
N THR A 31 9.57 6.37 24.66
CA THR A 31 9.12 7.68 25.11
C THR A 31 10.32 8.59 25.35
N GLY A 32 10.03 9.87 25.51
CA GLY A 32 11.06 10.87 25.76
C GLY A 32 10.86 12.12 24.91
N LEU A 33 10.00 13.02 25.38
CA LEU A 33 9.64 14.20 24.58
C LEU A 33 10.84 15.12 24.38
N ASN A 34 11.49 15.51 25.48
CA ASN A 34 12.65 16.37 25.40
C ASN A 34 13.82 15.65 24.73
N GLY A 35 14.62 16.41 23.99
CA GLY A 35 15.77 15.85 23.32
C GLY A 35 15.40 15.15 22.03
N SER A 36 16.43 14.54 21.42
CA SER A 36 16.29 13.88 20.14
C SER A 36 16.46 12.37 20.22
N GLY A 37 16.83 11.83 21.38
CA GLY A 37 17.17 10.41 21.45
C GLY A 37 15.99 9.49 21.17
N LYS A 38 14.80 9.86 21.64
CA LYS A 38 13.63 9.01 21.43
C LYS A 38 13.34 8.84 19.95
N SER A 39 13.24 9.95 19.22
CA SER A 39 13.03 9.88 17.78
C SER A 39 14.24 9.29 17.05
N ASN A 40 15.43 9.41 17.63
CA ASN A 40 16.61 8.83 17.00
C ASN A 40 16.56 7.31 17.01
N ILE A 41 15.90 6.72 18.02
CA ILE A 41 15.72 5.27 18.04
C ILE A 41 14.94 4.82 16.81
N LEU A 42 13.88 5.56 16.46
CA LEU A 42 13.12 5.23 15.25
C LEU A 42 13.94 5.45 13.99
N ASP A 43 14.75 6.53 13.96
CA ASP A 43 15.62 6.77 12.82
C ASP A 43 16.63 5.64 12.67
N ALA A 44 17.13 5.11 13.79
CA ALA A 44 18.08 4.00 13.72
C ALA A 44 17.40 2.75 13.15
N ILE A 45 16.18 2.46 13.59
CA ILE A 45 15.45 1.31 13.07
C ILE A 45 15.19 1.48 11.59
N CYS A 46 14.71 2.66 11.18
CA CYS A 46 14.46 2.91 9.76
C CYS A 46 15.76 2.88 8.96
N PHE A 47 16.88 3.24 9.58
CA PHE A 47 18.15 3.23 8.87
C PHE A 47 18.59 1.80 8.53
N VAL A 48 18.45 0.88 9.49
CA VAL A 48 18.81 -0.51 9.22
C VAL A 48 17.88 -1.11 8.16
N LEU A 49 16.58 -0.83 8.26
CA LEU A 49 15.63 -1.38 7.31
C LEU A 49 15.80 -0.80 5.91
N GLY A 50 16.48 0.35 5.79
CA GLY A 50 16.55 1.08 4.55
C GLY A 50 15.31 1.92 4.32
N ILE A 51 14.94 2.72 5.32
CA ILE A 51 13.70 3.52 5.36
C ILE A 51 12.48 2.74 4.84
N ASN A 61 24.20 11.71 1.57
CA ASN A 61 24.38 12.67 2.66
C ASN A 61 24.33 11.99 4.02
N LEU A 62 24.61 10.69 4.03
CA LEU A 62 24.46 9.88 5.24
C LEU A 62 25.57 10.10 6.25
N GLN A 63 26.63 10.84 5.90
CA GLN A 63 27.62 11.19 6.90
C GLN A 63 27.03 12.06 8.00
N ASP A 64 25.93 12.76 7.71
CA ASP A 64 25.30 13.62 8.71
C ASP A 64 24.66 12.81 9.84
N LEU A 65 24.35 11.54 9.60
CA LEU A 65 23.78 10.68 10.63
C LEU A 65 24.78 10.27 11.70
N ILE A 66 26.09 10.48 11.45
CA ILE A 66 27.07 10.20 12.49
C ILE A 66 26.95 11.22 13.62
N TYR A 67 27.58 10.89 14.75
CA TYR A 67 27.39 11.64 15.99
C TYR A 67 27.54 13.14 15.80
N LYS A 68 28.54 13.59 15.03
CA LYS A 68 28.67 15.01 14.74
C LYS A 68 28.85 15.30 13.25
N ARG A 69 28.41 14.38 12.39
CA ARG A 69 28.37 14.55 10.92
C ARG A 69 29.64 14.46 10.03
N GLY A 70 30.78 13.90 10.46
CA GLY A 70 31.11 13.49 11.80
C GLY A 70 32.32 14.29 12.23
N GLN A 71 32.12 15.62 12.32
CA GLN A 71 33.22 16.55 12.46
C GLN A 71 33.98 16.39 13.77
N ALA A 72 33.36 15.82 14.80
CA ALA A 72 34.06 15.63 16.06
C ALA A 72 34.81 14.30 16.09
N GLY A 73 34.83 13.63 17.25
CA GLY A 73 35.68 12.47 17.41
C GLY A 73 35.18 11.26 16.64
N VAL A 74 33.89 10.95 16.77
CA VAL A 74 33.34 9.74 16.16
C VAL A 74 33.35 9.85 14.65
N THR A 75 33.82 8.80 13.98
CA THR A 75 33.88 8.78 12.53
C THR A 75 33.21 7.56 11.91
N LYS A 76 32.68 6.65 12.71
CA LYS A 76 31.93 5.51 12.19
C LYS A 76 30.66 5.33 13.01
N ALA A 77 29.57 4.98 12.33
CA ALA A 77 28.28 4.78 12.95
C ALA A 77 27.76 3.40 12.60
N SER A 78 27.26 2.68 13.60
CA SER A 78 26.73 1.34 13.41
C SER A 78 25.42 1.19 14.16
N VAL A 79 24.45 0.57 13.51
CA VAL A 79 23.17 0.23 14.13
C VAL A 79 22.87 -1.24 13.80
N THR A 80 22.45 -2.00 14.81
CA THR A 80 22.17 -3.41 14.65
C THR A 80 20.80 -3.74 15.25
N ILE A 81 19.94 -4.36 14.46
CA ILE A 81 18.69 -4.93 14.95
C ILE A 81 18.90 -6.43 15.09
N VAL A 82 18.50 -6.97 16.24
CA VAL A 82 18.63 -8.40 16.52
C VAL A 82 17.23 -9.00 16.55
N PHE A 83 16.96 -9.93 15.64
CA PHE A 83 15.65 -10.54 15.52
C PHE A 83 15.63 -11.94 16.13
N ASP A 84 14.59 -12.22 16.89
CA ASP A 84 14.29 -13.59 17.30
C ASP A 84 13.67 -14.34 16.14
N ASN A 85 14.15 -15.58 15.93
CA ASN A 85 13.73 -16.37 14.78
C ASN A 85 13.29 -17.77 15.19
N ARG A 86 12.78 -17.93 16.41
CA ARG A 86 12.39 -19.26 16.87
C ARG A 86 11.12 -19.73 16.19
N ASP A 87 10.19 -18.82 15.90
CA ASP A 87 9.00 -19.14 15.13
C ASP A 87 9.39 -19.38 13.67
N LYS A 88 9.75 -20.64 13.35
CA LYS A 88 10.18 -20.99 12.01
C LYS A 88 9.08 -20.78 10.97
N LYS A 89 7.82 -20.77 11.39
CA LYS A 89 6.73 -20.52 10.45
C LYS A 89 6.83 -19.12 9.85
N ARG A 90 7.31 -18.15 10.62
CA ARG A 90 7.48 -16.78 10.15
C ARG A 90 8.94 -16.44 9.86
N SER A 91 9.81 -17.43 9.84
CA SER A 91 11.21 -17.18 9.55
C SER A 91 11.38 -16.76 8.09
N PRO A 92 12.29 -15.81 7.82
CA PRO A 92 12.62 -15.51 6.43
C PRO A 92 13.24 -16.71 5.75
N ILE A 93 12.82 -16.98 4.52
CA ILE A 93 13.24 -18.19 3.84
C ILE A 93 14.73 -18.14 3.57
N GLY A 94 15.40 -19.28 3.72
CA GLY A 94 16.85 -19.35 3.63
C GLY A 94 17.59 -19.02 4.89
N PHE A 95 16.89 -18.76 6.01
CA PHE A 95 17.53 -18.44 7.27
C PHE A 95 16.94 -19.24 8.43
N GLU A 96 16.34 -20.39 8.14
CA GLU A 96 15.57 -21.12 9.16
C GLU A 96 16.48 -21.72 10.22
N GLU A 97 17.73 -22.03 9.86
CA GLU A 97 18.66 -22.59 10.84
C GLU A 97 18.99 -21.60 11.95
N TYR A 98 19.02 -20.31 11.65
CA TYR A 98 19.36 -19.30 12.65
C TYR A 98 18.23 -19.15 13.65
N ALA A 99 18.53 -19.38 14.93
CA ALA A 99 17.62 -19.01 16.00
C ALA A 99 17.58 -17.52 16.25
N THR A 100 18.53 -16.77 15.69
CA THR A 100 18.62 -15.33 15.86
C THR A 100 19.28 -14.74 14.62
N ILE A 101 18.67 -13.69 14.08
CA ILE A 101 19.20 -12.99 12.91
C ILE A 101 19.45 -11.54 13.31
N SER A 102 20.67 -11.06 13.06
CA SER A 102 21.05 -9.68 13.36
C SER A 102 21.45 -8.99 12.07
N VAL A 103 20.85 -7.83 11.82
CA VAL A 103 21.17 -7.01 10.66
C VAL A 103 21.87 -5.75 11.13
N THR A 104 22.99 -5.43 10.52
CA THR A 104 23.79 -4.27 10.87
C THR A 104 24.02 -3.42 9.63
N ARG A 105 23.92 -2.10 9.81
CA ARG A 105 24.25 -1.15 8.76
C ARG A 105 25.21 -0.12 9.35
N GLN A 106 26.22 0.25 8.58
CA GLN A 106 27.29 1.12 9.07
C GLN A 106 27.47 2.32 8.15
N ILE A 107 27.98 3.41 8.73
CA ILE A 107 28.29 4.63 7.99
C ILE A 107 29.74 4.98 8.23
N VAL A 108 30.44 5.34 7.15
CA VAL A 108 31.80 5.86 7.25
C VAL A 108 31.80 7.25 6.63
N LEU A 109 32.92 7.96 6.82
CA LEU A 109 33.05 9.30 6.27
C LEU A 109 32.89 9.27 4.75
N GLY A 110 32.27 10.32 4.23
CA GLY A 110 31.84 10.33 2.85
C GLY A 110 30.45 9.78 2.65
N GLY A 111 29.88 9.09 3.63
CA GLY A 111 28.49 8.68 3.57
C GLY A 111 28.22 7.36 2.89
N THR A 112 29.22 6.49 2.77
CA THR A 112 29.01 5.17 2.18
C THR A 112 28.61 4.18 3.27
N THR A 113 27.77 3.22 2.89
CA THR A 113 27.19 2.28 3.84
C THR A 113 27.47 0.84 3.41
N LYS A 114 27.55 -0.04 4.39
CA LYS A 114 27.67 -1.48 4.17
C LYS A 114 26.80 -2.22 5.17
N TYR A 115 26.32 -3.39 4.77
CA TYR A 115 25.46 -4.22 5.60
C TYR A 115 26.21 -5.43 6.14
N LEU A 116 25.77 -5.92 7.28
CA LEU A 116 26.22 -7.18 7.86
C LEU A 116 25.01 -7.98 8.31
N ILE A 117 25.02 -9.27 7.99
CA ILE A 117 24.03 -10.22 8.51
C ILE A 117 24.77 -11.20 9.41
N ASN A 118 24.42 -11.19 10.70
CA ASN A 118 25.03 -12.08 11.69
C ASN A 118 26.55 -11.91 11.74
N GLY A 119 27.01 -10.68 11.57
CA GLY A 119 28.42 -10.38 11.64
C GLY A 119 29.20 -10.55 10.36
N HIS A 120 28.59 -11.09 9.31
CA HIS A 120 29.25 -11.30 8.02
C HIS A 120 28.73 -10.29 7.02
N ARG A 121 29.63 -9.75 6.19
CA ARG A 121 29.24 -8.74 5.23
C ARG A 121 28.20 -9.28 4.26
N ALA A 122 27.17 -8.48 3.99
CA ALA A 122 26.10 -8.87 3.11
C ALA A 122 25.80 -7.76 2.11
N GLN A 123 25.30 -8.16 0.95
CA GLN A 123 24.84 -7.18 -0.03
C GLN A 123 23.54 -6.54 0.45
N GLN A 124 23.33 -5.29 0.02
CA GLN A 124 22.10 -4.60 0.37
C GLN A 124 20.88 -5.34 -0.15
N GLN A 125 20.96 -5.86 -1.38
CA GLN A 125 19.85 -6.62 -1.93
C GLN A 125 19.53 -7.86 -1.11
N THR A 126 20.56 -8.49 -0.54
CA THR A 126 20.32 -9.65 0.32
C THR A 126 19.51 -9.24 1.55
N VAL A 127 19.85 -8.11 2.16
CA VAL A 127 19.11 -7.63 3.32
C VAL A 127 17.69 -7.25 2.92
N GLN A 128 17.54 -6.56 1.78
CA GLN A 128 16.22 -6.15 1.32
C GLN A 128 15.34 -7.36 1.01
N ASN A 129 15.91 -8.34 0.30
CA ASN A 129 15.15 -9.57 0.01
C ASN A 129 14.80 -10.31 1.29
N LEU A 130 15.63 -10.20 2.33
CA LEU A 130 15.31 -10.83 3.61
C LEU A 130 14.09 -10.18 4.23
N PHE A 131 14.06 -8.85 4.30
CA PHE A 131 12.96 -8.15 4.95
C PHE A 131 11.65 -8.34 4.18
N GLN A 132 11.71 -8.33 2.85
CA GLN A 132 10.51 -8.46 2.04
C GLN A 132 10.00 -9.89 1.99
N SER A 133 10.80 -10.87 2.38
CA SER A 133 10.34 -12.25 2.43
C SER A 133 9.43 -12.52 3.63
N VAL A 134 9.43 -11.64 4.63
CA VAL A 134 8.55 -11.76 5.77
C VAL A 134 7.49 -10.65 5.78
N GLN A 135 7.23 -10.05 4.62
CA GLN A 135 6.23 -9.00 4.46
C GLN A 135 6.57 -7.76 5.28
N LEU A 136 7.84 -7.35 5.21
CA LEU A 136 8.27 -6.03 5.65
C LEU A 136 8.64 -5.20 4.43
N ASN A 137 7.62 -4.86 3.64
CA ASN A 137 7.81 -4.18 2.36
C ASN A 137 8.56 -2.88 2.57
N ILE A 138 9.88 -2.92 2.43
CA ILE A 138 10.69 -1.72 2.66
C ILE A 138 10.38 -0.66 1.62
N ASN A 139 10.10 -1.08 0.38
CA ASN A 139 9.87 -0.13 -0.70
C ASN A 139 8.55 0.62 -0.51
N ASN A 140 7.54 -0.04 0.05
CA ASN A 140 6.24 0.58 0.30
C ASN A 140 5.80 0.18 1.71
N PRO A 141 6.27 0.92 2.74
CA PRO A 141 6.06 0.49 4.12
C PRO A 141 4.60 0.30 4.52
N ASN A 142 4.18 -0.96 4.61
CA ASN A 142 2.87 -1.35 5.13
C ASN A 142 2.88 -1.48 6.65
N PHE A 143 4.00 -1.23 7.29
CA PHE A 143 4.17 -1.47 8.72
C PHE A 143 4.48 -0.21 9.51
N LEU A 144 4.54 0.94 8.85
CA LEU A 144 4.94 2.20 9.47
C LEU A 144 3.75 3.14 9.46
N ILE A 145 3.18 3.41 10.63
CA ILE A 145 2.02 4.28 10.78
C ILE A 145 2.52 5.56 11.44
N MSE A 146 2.70 6.61 10.65
CA MSE A 146 3.20 7.88 11.16
C MSE A 146 2.10 8.93 11.19
O MSE A 146 1.01 8.72 10.65
CB MSE A 146 4.38 8.38 10.32
CG MSE A 146 5.55 7.42 10.31
SE MSE A 146 7.09 8.11 9.35
CE MSE A 146 6.25 8.36 7.61
N GLN A 147 2.39 10.05 11.85
CA GLN A 147 1.39 11.11 12.00
C GLN A 147 0.93 11.65 10.66
N GLY A 148 1.80 11.63 9.65
CA GLY A 148 1.41 12.11 8.34
C GLY A 148 0.34 11.24 7.69
N ARG A 149 0.38 9.93 7.95
CA ARG A 149 -0.63 9.04 7.42
C ARG A 149 -2.01 9.37 7.97
N ILE A 150 -2.07 9.76 9.25
CA ILE A 150 -3.34 10.15 9.85
C ILE A 150 -3.86 11.43 9.21
N THR A 151 -3.00 12.44 9.08
CA THR A 151 -3.41 13.69 8.44
C THR A 151 -3.85 13.45 7.01
N LYS A 152 -3.18 12.54 6.30
CA LYS A 152 -3.55 12.25 4.92
C LYS A 152 -4.93 11.61 4.83
N VAL A 153 -5.21 10.66 5.72
CA VAL A 153 -6.51 9.96 5.67
C VAL A 153 -7.65 10.92 5.97
N LEU A 154 -7.44 11.83 6.93
CA LEU A 154 -8.49 12.78 7.29
C LEU A 154 -8.84 13.72 6.14
N ASN A 155 -7.93 13.92 5.19
CA ASN A 155 -8.17 14.81 4.07
C ASN A 155 -8.49 14.07 2.78
N MSE A 156 -8.58 12.74 2.82
CA MSE A 156 -8.90 11.96 1.63
C MSE A 156 -10.33 12.23 1.17
O MSE A 156 -11.26 12.30 1.96
CB MSE A 156 -8.72 10.47 1.89
CG MSE A 156 -7.27 9.99 1.92
SE MSE A 156 -7.17 8.04 2.02
CE MSE A 156 -5.24 7.83 2.10
N LYS A 157 -10.48 12.37 -0.15
CA LYS A 157 -11.78 12.50 -0.77
C LYS A 157 -12.40 11.12 -0.96
N PRO A 158 -13.73 11.05 -1.17
CA PRO A 158 -14.38 9.74 -1.31
C PRO A 158 -13.74 8.81 -2.33
N ALA A 159 -13.20 9.34 -3.43
CA ALA A 159 -12.54 8.49 -4.41
C ALA A 159 -11.25 7.89 -3.86
N GLU A 160 -10.55 8.61 -2.99
CA GLU A 160 -9.29 8.11 -2.44
C GLU A 160 -9.55 7.09 -1.34
N ILE A 161 -10.59 7.29 -0.53
CA ILE A 161 -10.96 6.29 0.47
C ILE A 161 -11.32 4.98 -0.22
N LEU A 162 -12.06 5.05 -1.32
CA LEU A 162 -12.40 3.85 -2.08
C LEU A 162 -11.14 3.18 -2.61
N ALA A 163 -10.20 3.97 -3.15
CA ALA A 163 -8.97 3.40 -3.69
C ALA A 163 -8.23 2.59 -2.63
N MSE A 164 -8.30 3.03 -1.38
CA MSE A 164 -7.73 2.30 -0.26
C MSE A 164 -8.42 0.95 -0.09
O MSE A 164 -7.78 -0.08 0.13
CB MSE A 164 -7.85 3.12 1.02
CG MSE A 164 -6.69 3.00 1.98
SE MSE A 164 -6.64 4.49 3.23
CE MSE A 164 -8.53 4.52 3.71
N ILE A 165 -9.75 0.96 -0.23
CA ILE A 165 -10.53 -0.27 -0.11
C ILE A 165 -10.32 -1.16 -1.33
N GLU A 166 -10.28 -0.56 -2.53
CA GLU A 166 -10.06 -1.34 -3.74
C GLU A 166 -8.72 -2.09 -3.68
N GLU A 167 -7.69 -1.44 -3.13
CA GLU A 167 -6.40 -2.10 -2.97
C GLU A 167 -6.51 -3.32 -2.05
N ALA A 168 -7.18 -3.15 -0.90
CA ALA A 168 -7.33 -4.25 0.03
C ALA A 168 -8.16 -5.38 -0.59
N ALA A 169 -9.17 -5.02 -1.39
CA ALA A 169 -9.96 -6.02 -2.10
C ALA A 169 -9.18 -6.71 -3.20
N GLY A 170 -8.09 -6.11 -3.67
CA GLY A 170 -7.31 -6.68 -4.75
C GLY A 170 -8.05 -6.67 -6.07
N THR A 171 -8.69 -5.55 -6.38
CA THR A 171 -9.45 -5.40 -7.62
C THR A 171 -8.57 -4.95 -8.79
N ARG A 172 -7.29 -4.68 -8.55
CA ARG A 172 -6.37 -4.45 -9.67
C ARG A 172 -6.29 -5.67 -10.57
N MSE A 173 -6.57 -6.85 -10.01
CA MSE A 173 -6.74 -8.09 -10.76
C MSE A 173 -7.74 -7.90 -11.90
O MSE A 173 -7.43 -8.12 -13.06
CB MSE A 173 -7.22 -9.20 -9.83
CG MSE A 173 -6.91 -10.61 -10.28
SE MSE A 173 -7.92 -11.95 -9.27
CE MSE A 173 -7.81 -11.14 -7.50
N PHE A 174 -8.94 -7.45 -11.54
CA PHE A 174 -10.00 -7.25 -12.53
C PHE A 174 -9.72 -6.04 -13.41
N GLU A 175 -9.06 -5.01 -12.87
CA GLU A 175 -8.83 -3.79 -13.64
C GLU A 175 -7.79 -4.02 -14.73
N ASP A 176 -6.79 -4.86 -14.46
CA ASP A 176 -5.80 -5.19 -15.49
C ASP A 176 -6.44 -5.95 -16.64
N ARG A 177 -7.28 -6.94 -16.31
CA ARG A 177 -8.03 -7.68 -17.32
C ARG A 177 -8.95 -6.75 -18.12
N LYS A 178 -9.63 -5.85 -17.42
CA LYS A 178 -10.54 -4.93 -18.10
C LYS A 178 -9.78 -3.97 -18.99
N GLU A 179 -8.57 -3.56 -18.58
CA GLU A 179 -7.76 -2.69 -19.43
C GLU A 179 -7.26 -3.44 -20.66
N LYS A 180 -6.96 -4.73 -20.52
CA LYS A 180 -6.56 -5.52 -21.68
C LYS A 180 -7.69 -5.63 -22.69
N ALA A 181 -8.89 -5.98 -22.21
CA ALA A 181 -10.03 -6.16 -23.10
C ALA A 181 -10.42 -4.84 -23.77
N LEU A 182 -10.23 -3.71 -23.09
CA LEU A 182 -10.57 -2.43 -23.68
C LEU A 182 -9.62 -2.08 -24.81
N LYS A 183 -8.33 -2.37 -24.65
CA LYS A 183 -7.39 -2.18 -25.76
C LYS A 183 -7.72 -3.13 -26.90
N THR A 184 -8.19 -4.33 -26.59
CA THR A 184 -8.62 -5.26 -27.63
C THR A 184 -9.84 -4.71 -28.37
N MSE A 185 -10.87 -4.33 -27.64
CA MSE A 185 -12.11 -3.86 -28.26
C MSE A 185 -11.88 -2.54 -29.01
O MSE A 185 -12.65 -2.20 -29.91
CB MSE A 185 -13.21 -3.67 -27.21
CG MSE A 185 -14.60 -3.65 -27.80
SE MSE A 185 -15.94 -2.91 -26.59
CE MSE A 185 -15.66 -4.11 -25.09
N ALA A 186 -10.82 -1.82 -28.65
CA ALA A 186 -10.46 -0.63 -29.39
C ALA A 186 -9.95 -0.99 -30.78
N LYS A 187 -9.14 -2.04 -30.89
CA LYS A 187 -8.66 -2.47 -32.21
C LYS A 187 -9.81 -3.07 -33.02
N LYS A 188 -10.70 -3.81 -32.38
CA LYS A 188 -11.88 -4.33 -33.07
C LYS A 188 -12.72 -3.18 -33.63
N ASP A 189 -13.02 -2.18 -32.80
CA ASP A 189 -13.80 -1.03 -33.25
C ASP A 189 -13.15 -0.33 -34.42
N LEU A 190 -11.84 -0.15 -34.33
CA LEU A 190 -11.10 0.48 -35.41
C LEU A 190 -11.19 -0.36 -36.68
N LYS A 191 -11.30 -1.69 -36.54
CA LYS A 191 -11.30 -2.56 -37.72
C LYS A 191 -12.51 -2.29 -38.60
N LEU A 192 -13.68 -2.13 -37.99
CA LEU A 192 -14.89 -1.85 -38.76
C LEU A 192 -14.76 -0.53 -39.51
N GLN A 193 -14.10 0.46 -38.90
CA GLN A 193 -13.90 1.72 -39.61
C GLN A 193 -13.00 1.53 -40.82
N GLU A 194 -11.97 0.68 -40.71
CA GLU A 194 -11.15 0.36 -41.87
C GLU A 194 -11.95 -0.45 -42.90
N ILE A 195 -12.79 -1.37 -42.43
CA ILE A 195 -13.61 -2.16 -43.34
C ILE A 195 -14.61 -1.25 -44.06
N THR A 196 -15.35 -0.44 -43.29
CA THR A 196 -16.39 0.39 -43.88
C THR A 196 -15.81 1.41 -44.85
N GLU A 197 -14.64 1.95 -44.54
CA GLU A 197 -13.95 2.84 -45.48
C GLU A 197 -13.62 2.10 -46.77
N LEU A 198 -12.95 0.94 -46.64
CA LEU A 198 -12.58 0.17 -47.83
C LEU A 198 -13.80 -0.33 -48.57
N LEU A 199 -14.83 -0.80 -47.84
CA LEU A 199 -16.02 -1.34 -48.48
C LEU A 199 -16.82 -0.24 -49.15
N ALA A 200 -17.25 0.76 -48.39
CA ALA A 200 -18.19 1.75 -48.93
C ALA A 200 -17.51 2.71 -49.89
N ASP A 201 -16.24 3.05 -49.64
CA ASP A 201 -15.57 4.11 -50.38
C ASP A 201 -14.54 3.59 -51.38
N GLU A 202 -14.36 2.28 -51.53
CA GLU A 202 -13.29 1.78 -52.39
C GLU A 202 -13.67 0.52 -53.14
N ILE A 203 -14.34 -0.42 -52.48
CA ILE A 203 -14.71 -1.67 -53.12
C ILE A 203 -16.06 -1.57 -53.81
N GLU A 204 -17.05 -0.96 -53.16
CA GLU A 204 -18.38 -0.81 -53.73
C GLU A 204 -18.41 0.16 -54.91
N PRO A 205 -17.66 1.27 -54.90
CA PRO A 205 -17.64 2.12 -56.10
C PRO A 205 -16.95 1.48 -57.30
N LYS A 206 -15.84 0.77 -57.07
CA LYS A 206 -15.14 0.12 -58.17
C LYS A 206 -16.01 -0.97 -58.79
N LEU A 207 -16.84 -1.61 -57.98
CA LEU A 207 -17.66 -2.72 -58.46
C LEU A 207 -18.84 -2.24 -59.30
N GLU A 208 -19.53 -1.19 -58.84
CA GLU A 208 -20.70 -0.69 -59.59
C GLU A 208 -20.27 0.04 -60.86
N LYS A 209 -19.12 0.71 -60.84
CA LYS A 209 -18.56 1.25 -62.07
C LYS A 209 -18.23 0.14 -63.06
N LEU A 210 -17.67 -0.97 -62.56
CA LEU A 210 -17.34 -2.09 -63.43
C LEU A 210 -18.59 -2.75 -64.01
N ARG A 211 -19.62 -2.96 -63.17
CA ARG A 211 -20.88 -3.50 -63.68
C ARG A 211 -21.56 -2.54 -64.65
N GLN A 212 -21.23 -1.25 -64.56
CA GLN A 212 -21.83 -0.27 -65.46
C GLN A 212 -21.16 -0.33 -66.84
N GLU A 213 -19.84 -0.47 -66.88
CA GLU A 213 -19.15 -0.68 -68.15
C GLU A 213 -19.69 -1.89 -68.87
N LYS A 214 -19.82 -3.02 -68.16
CA LYS A 214 -20.36 -4.22 -68.77
C LYS A 214 -21.82 -4.01 -69.17
N ARG A 215 -22.57 -3.20 -68.42
CA ARG A 215 -23.92 -2.83 -68.80
C ARG A 215 -23.95 -1.81 -69.93
N ALA A 216 -22.84 -1.16 -70.26
CA ALA A 216 -22.84 -0.33 -71.46
C ALA A 216 -22.55 -1.18 -72.69
N PHE A 217 -21.78 -2.25 -72.51
CA PHE A 217 -21.31 -3.05 -73.64
C PHE A 217 -22.38 -3.97 -74.21
N LEU A 218 -23.22 -4.58 -73.35
CA LEU A 218 -24.21 -5.51 -73.88
C LEU A 218 -25.31 -4.80 -74.65
N ASP A 219 -25.45 -3.50 -74.48
CA ASP A 219 -26.55 -2.74 -75.05
C ASP A 219 -26.23 -2.34 -76.48
N PHE A 220 -27.16 -2.61 -77.39
CA PHE A 220 -27.02 -2.22 -78.78
C PHE A 220 -27.71 -0.89 -79.05
N LYS A 234 -17.22 -0.79 -80.96
CA LYS A 234 -17.43 -0.86 -79.52
C LYS A 234 -16.51 -1.91 -78.89
N LYS A 235 -16.04 -1.62 -77.67
CA LYS A 235 -15.09 -2.49 -77.01
C LYS A 235 -15.35 -2.50 -75.51
N ILE A 236 -15.05 -3.63 -74.89
CA ILE A 236 -15.04 -3.78 -73.45
C ILE A 236 -13.72 -4.42 -73.06
N ASN A 237 -13.29 -4.16 -71.83
CA ASN A 237 -12.07 -4.77 -71.34
C ASN A 237 -12.23 -6.29 -71.28
N PRO A 238 -11.32 -7.05 -71.88
CA PRO A 238 -11.49 -8.52 -71.90
C PRO A 238 -11.52 -9.14 -70.53
N LYS A 239 -10.74 -8.63 -69.57
CA LYS A 239 -10.74 -9.13 -68.20
C LYS A 239 -11.80 -8.46 -67.33
N VAL A 240 -12.95 -8.04 -67.90
CA VAL A 240 -14.01 -7.45 -67.08
C VAL A 240 -14.74 -8.52 -66.28
N MSE A 241 -14.98 -9.68 -66.89
CA MSE A 241 -15.60 -10.81 -66.19
C MSE A 241 -14.83 -11.18 -64.93
O MSE A 241 -15.41 -11.52 -63.90
CB MSE A 241 -15.67 -12.03 -67.11
CG MSE A 241 -16.69 -11.94 -68.22
SE MSE A 241 -18.48 -12.46 -67.62
CE MSE A 241 -19.15 -10.73 -67.06
N ASN A 242 -13.51 -11.13 -65.06
CA ASN A 242 -12.64 -11.50 -63.94
C ASN A 242 -12.61 -10.40 -62.88
N MSE A 243 -12.48 -9.14 -63.31
CA MSE A 243 -12.44 -8.02 -62.37
C MSE A 243 -13.73 -7.95 -61.56
O MSE A 243 -13.72 -7.64 -60.37
CB MSE A 243 -12.22 -6.70 -63.11
CG MSE A 243 -10.82 -6.54 -63.68
SE MSE A 243 -10.74 -5.09 -64.98
CE MSE A 243 -9.11 -5.58 -65.91
N ILE A 244 -14.85 -8.23 -62.23
CA ILE A 244 -16.13 -8.34 -61.52
C ILE A 244 -16.06 -9.43 -60.46
N ASP A 245 -15.71 -10.65 -60.87
CA ASP A 245 -15.62 -11.77 -59.94
C ASP A 245 -14.56 -11.51 -58.87
N SER A 246 -13.49 -10.80 -59.21
CA SER A 246 -12.44 -10.52 -58.23
C SER A 246 -12.96 -9.62 -57.11
N VAL A 247 -13.50 -8.45 -57.47
CA VAL A 247 -14.01 -7.53 -56.47
C VAL A 247 -15.32 -8.02 -55.85
N GLU A 248 -16.06 -8.90 -56.54
CA GLU A 248 -17.25 -9.47 -55.93
C GLU A 248 -16.86 -10.42 -54.79
N LYS A 249 -15.73 -11.10 -54.93
CA LYS A 249 -15.24 -11.93 -53.84
C LYS A 249 -14.73 -11.08 -52.69
N LYS A 250 -14.08 -9.96 -53.00
CA LYS A 250 -13.56 -9.09 -51.95
C LYS A 250 -14.70 -8.51 -51.12
N GLU A 251 -15.85 -8.27 -51.74
CA GLU A 251 -17.00 -7.76 -51.01
C GLU A 251 -17.52 -8.80 -50.01
N MSE A 252 -17.82 -9.99 -50.49
CA MSE A 252 -18.34 -11.07 -49.66
C MSE A 252 -17.39 -11.42 -48.52
O MSE A 252 -17.81 -11.90 -47.47
CB MSE A 252 -18.62 -12.32 -50.51
CG MSE A 252 -19.32 -13.44 -49.76
SE MSE A 252 -19.58 -15.02 -50.87
CE MSE A 252 -20.40 -16.18 -49.54
N SER A 253 -16.10 -11.16 -48.74
CA SER A 253 -15.12 -11.35 -47.68
C SER A 253 -15.18 -10.23 -46.65
N LEU A 254 -15.36 -8.99 -47.11
CA LEU A 254 -15.43 -7.85 -46.18
C LEU A 254 -16.72 -7.89 -45.38
N LYS A 255 -17.86 -8.15 -46.05
CA LYS A 255 -19.14 -8.16 -45.36
C LYS A 255 -19.17 -9.22 -44.26
N HIS A 256 -18.60 -10.40 -44.54
CA HIS A 256 -18.55 -11.44 -43.53
C HIS A 256 -17.60 -11.06 -42.39
N MSE A 257 -16.57 -10.27 -42.67
CA MSE A 257 -15.65 -9.82 -41.64
C MSE A 257 -16.35 -8.82 -40.72
O MSE A 257 -16.12 -8.81 -39.52
CB MSE A 257 -14.40 -9.20 -42.26
CG MSE A 257 -13.19 -9.20 -41.33
SE MSE A 257 -11.60 -8.51 -42.22
CE MSE A 257 -11.52 -9.77 -43.70
N MSE A 258 -17.20 -7.97 -41.31
CA MSE A 258 -18.05 -7.06 -40.54
C MSE A 258 -18.80 -7.80 -39.45
O MSE A 258 -18.64 -7.51 -38.26
CB MSE A 258 -19.06 -6.35 -41.44
CG MSE A 258 -18.48 -5.31 -42.38
SE MSE A 258 -18.72 -3.50 -41.71
CE MSE A 258 -18.91 -2.58 -43.42
N LYS A 259 -19.61 -8.77 -39.86
CA LYS A 259 -20.43 -9.53 -38.94
C LYS A 259 -19.60 -10.36 -37.97
N THR A 260 -18.35 -10.65 -38.30
CA THR A 260 -17.46 -11.43 -37.44
C THR A 260 -16.77 -10.55 -36.41
N VAL A 261 -16.20 -9.42 -36.82
CA VAL A 261 -15.54 -8.54 -35.87
C VAL A 261 -16.54 -7.98 -34.87
N LEU A 262 -17.77 -7.71 -35.32
CA LEU A 262 -18.82 -7.26 -34.39
C LEU A 262 -19.09 -8.31 -33.33
N LYS A 263 -19.15 -9.58 -33.72
CA LYS A 263 -19.40 -10.65 -32.75
C LYS A 263 -18.25 -10.75 -31.76
N ASP A 264 -17.01 -10.54 -32.22
CA ASP A 264 -15.90 -10.42 -31.29
C ASP A 264 -16.11 -9.24 -30.35
N LYS A 265 -16.54 -8.10 -30.89
CA LYS A 265 -16.80 -6.92 -30.06
C LYS A 265 -17.88 -7.21 -29.02
N HIS A 266 -18.95 -7.91 -29.43
CA HIS A 266 -19.97 -8.32 -28.47
C HIS A 266 -19.40 -9.26 -27.43
N LYS A 267 -18.48 -10.14 -27.82
CA LYS A 267 -17.91 -11.08 -26.88
C LYS A 267 -17.08 -10.38 -25.81
N ILE A 268 -16.36 -9.32 -26.20
CA ILE A 268 -15.57 -8.57 -25.23
C ILE A 268 -16.47 -7.83 -24.25
N GLU A 269 -17.56 -7.24 -24.76
CA GLU A 269 -18.48 -6.52 -23.88
C GLU A 269 -19.07 -7.45 -22.81
N GLU A 270 -19.48 -8.65 -23.22
CA GLU A 270 -20.00 -9.62 -22.27
C GLU A 270 -18.93 -10.05 -21.27
N THR A 271 -17.67 -10.11 -21.71
CA THR A 271 -16.58 -10.46 -20.81
C THR A 271 -16.34 -9.36 -19.79
N ILE A 272 -16.34 -8.10 -20.24
CA ILE A 272 -16.09 -6.97 -19.35
C ILE A 272 -17.19 -6.88 -18.29
N ALA A 273 -18.44 -7.09 -18.70
CA ALA A 273 -19.55 -7.04 -17.74
C ALA A 273 -19.38 -8.10 -16.65
N THR A 274 -18.89 -9.29 -17.01
CA THR A 274 -18.61 -10.31 -16.01
C THR A 274 -17.43 -9.91 -15.13
N LEU A 275 -16.45 -9.21 -15.69
CA LEU A 275 -15.35 -8.69 -14.89
C LEU A 275 -15.85 -7.67 -13.86
N ASP A 276 -16.69 -6.74 -14.31
CA ASP A 276 -17.20 -5.71 -13.40
C ASP A 276 -18.05 -6.34 -12.30
N GLU A 277 -18.80 -7.38 -12.61
CA GLU A 277 -19.66 -8.01 -11.61
C GLU A 277 -18.83 -8.69 -10.52
N TYR A 278 -17.82 -9.47 -10.91
CA TYR A 278 -16.94 -10.07 -9.92
C TYR A 278 -16.14 -9.02 -9.17
N LYS A 279 -15.79 -7.91 -9.82
CA LYS A 279 -15.12 -6.82 -9.14
C LYS A 279 -16.03 -6.18 -8.11
N ARG A 280 -17.29 -5.93 -8.48
CA ARG A 280 -18.25 -5.35 -7.55
C ARG A 280 -18.50 -6.25 -6.36
N LYS A 281 -18.63 -7.56 -6.60
CA LYS A 281 -18.86 -8.49 -5.51
C LYS A 281 -17.66 -8.57 -4.59
N ALA A 282 -16.45 -8.56 -5.15
CA ALA A 282 -15.24 -8.58 -4.31
C ALA A 282 -15.10 -7.29 -3.52
N LEU A 283 -15.43 -6.16 -4.13
CA LEU A 283 -15.40 -4.89 -3.41
C LEU A 283 -16.46 -4.86 -2.31
N GLN A 284 -17.61 -5.51 -2.54
CA GLN A 284 -18.66 -5.55 -1.55
C GLN A 284 -18.22 -6.32 -0.30
N GLU A 285 -17.60 -7.48 -0.52
CA GLU A 285 -17.16 -8.29 0.61
C GLU A 285 -16.08 -7.58 1.44
N THR A 286 -15.17 -6.88 0.76
CA THR A 286 -14.14 -6.14 1.47
C THR A 286 -14.72 -4.93 2.20
N TRP A 287 -15.66 -4.24 1.57
CA TRP A 287 -16.32 -3.10 2.21
C TRP A 287 -16.98 -3.51 3.52
N GLU A 288 -17.72 -4.63 3.51
CA GLU A 288 -18.41 -5.06 4.72
C GLU A 288 -17.42 -5.50 5.80
N LYS A 289 -16.33 -6.16 5.40
CA LYS A 289 -15.32 -6.58 6.37
C LYS A 289 -14.66 -5.38 7.04
N VAL A 290 -14.21 -4.41 6.23
CA VAL A 290 -13.58 -3.22 6.77
C VAL A 290 -14.57 -2.43 7.62
N ASN A 291 -15.80 -2.27 7.13
CA ASN A 291 -16.79 -1.46 7.83
C ASN A 291 -17.09 -2.03 9.22
N GLY A 292 -17.16 -3.35 9.33
CA GLY A 292 -17.43 -3.95 10.63
C GLY A 292 -16.29 -3.73 11.62
N ASP A 293 -15.05 -4.00 11.18
CA ASP A 293 -13.90 -3.79 12.05
C ASP A 293 -13.69 -2.32 12.36
N PHE A 294 -13.90 -1.46 11.37
CA PHE A 294 -13.68 -0.03 11.54
C PHE A 294 -14.56 0.56 12.64
N GLY A 295 -15.83 0.16 12.69
CA GLY A 295 -16.71 0.65 13.74
C GLY A 295 -16.37 0.09 15.10
N GLN A 296 -16.02 -1.20 15.16
CA GLN A 296 -15.69 -1.82 16.44
C GLN A 296 -14.38 -1.28 16.98
N ILE A 297 -13.40 -1.07 16.12
CA ILE A 297 -12.12 -0.51 16.56
C ILE A 297 -12.32 0.90 17.10
N PHE A 298 -13.10 1.71 16.38
CA PHE A 298 -13.35 3.08 16.84
C PHE A 298 -14.13 3.09 18.15
N ASN A 299 -15.06 2.15 18.30
CA ASN A 299 -15.83 2.06 19.55
C ASN A 299 -14.91 1.69 20.72
N GLU A 300 -13.89 0.87 20.46
CA GLU A 300 -12.90 0.55 21.48
C GLU A 300 -12.02 1.75 21.81
N LEU A 301 -11.61 2.51 20.79
CA LEU A 301 -10.70 3.61 21.04
C LEU A 301 -11.40 4.81 21.65
N LEU A 302 -12.65 5.04 21.27
CA LEU A 302 -13.46 6.15 21.81
C LEU A 302 -14.78 5.55 22.29
N PRO A 303 -14.81 5.07 23.54
CA PRO A 303 -16.02 4.39 24.03
C PRO A 303 -17.25 5.29 23.95
N GLY A 304 -18.35 4.72 23.47
CA GLY A 304 -19.58 5.44 23.31
C GLY A 304 -19.83 5.99 21.93
N SER A 305 -18.90 5.83 21.00
CA SER A 305 -19.03 6.37 19.66
C SER A 305 -18.93 5.24 18.63
N PHE A 306 -19.33 5.56 17.40
CA PHE A 306 -19.40 4.57 16.34
C PHE A 306 -19.06 5.25 15.02
N ALA A 307 -18.74 4.43 14.02
CA ALA A 307 -18.39 4.97 12.71
C ALA A 307 -18.66 3.92 11.64
N LYS A 308 -18.67 4.37 10.39
CA LYS A 308 -18.94 3.50 9.27
C LYS A 308 -18.44 4.14 7.99
N LEU A 309 -18.26 3.31 6.97
CA LEU A 309 -17.93 3.74 5.62
C LEU A 309 -19.19 3.66 4.76
N GLU A 310 -19.61 4.81 4.21
CA GLU A 310 -20.83 4.86 3.42
C GLU A 310 -20.57 5.72 2.19
N PRO A 311 -21.13 5.36 1.04
CA PRO A 311 -21.03 6.23 -0.14
C PRO A 311 -21.63 7.59 0.17
N PRO A 312 -21.08 8.66 -0.42
CA PRO A 312 -21.64 9.99 -0.16
C PRO A 312 -23.07 10.09 -0.64
N GLU A 313 -23.82 11.00 -0.03
CA GLU A 313 -25.24 11.18 -0.30
C GLU A 313 -25.54 11.26 -1.79
N GLY A 314 -26.18 10.23 -2.33
CA GLY A 314 -26.62 10.21 -3.71
C GLY A 314 -25.79 9.39 -4.65
N LYS A 315 -24.59 8.98 -4.26
CA LYS A 315 -23.70 8.26 -5.16
C LYS A 315 -23.74 6.76 -4.85
N ASP A 316 -22.76 6.01 -5.36
CA ASP A 316 -22.72 4.57 -5.25
C ASP A 316 -21.33 4.15 -4.76
N LEU A 317 -21.23 2.89 -4.35
CA LEU A 317 -19.95 2.30 -3.95
C LEU A 317 -18.87 2.61 -4.98
N THR A 318 -19.18 2.43 -6.27
CA THR A 318 -18.20 2.69 -7.32
C THR A 318 -17.74 4.14 -7.34
N ASP A 319 -18.54 5.05 -6.80
CA ASP A 319 -18.24 6.47 -6.81
C ASP A 319 -17.48 6.94 -5.57
N GLY A 320 -17.16 6.04 -4.65
CA GLY A 320 -16.35 6.41 -3.51
C GLY A 320 -16.97 6.10 -2.17
N LEU A 321 -16.14 6.02 -1.14
CA LEU A 321 -16.57 5.75 0.22
C LEU A 321 -16.24 6.94 1.11
N GLU A 322 -17.04 7.13 2.16
CA GLU A 322 -16.94 8.29 3.03
C GLU A 322 -17.08 7.85 4.47
N VAL A 323 -16.35 8.53 5.36
CA VAL A 323 -16.37 8.21 6.79
C VAL A 323 -17.51 8.99 7.45
N LYS A 324 -18.46 8.27 8.04
CA LYS A 324 -19.53 8.86 8.82
C LYS A 324 -19.31 8.50 10.29
N VAL A 325 -19.37 9.50 11.16
CA VAL A 325 -19.04 9.33 12.57
C VAL A 325 -20.27 9.66 13.41
N ARG A 326 -20.57 8.79 14.38
CA ARG A 326 -21.60 9.03 15.37
C ARG A 326 -20.91 9.31 16.70
N LEU A 327 -20.81 10.60 17.03
CA LEU A 327 -20.23 11.02 18.29
C LEU A 327 -21.29 10.90 19.38
N GLY A 328 -21.13 9.95 20.28
CA GLY A 328 -22.20 9.67 21.23
C GLY A 328 -23.42 9.17 20.49
N LYS A 329 -24.55 9.86 20.68
CA LYS A 329 -25.78 9.53 19.98
C LYS A 329 -26.05 10.43 18.78
N VAL A 330 -25.08 11.26 18.39
CA VAL A 330 -25.29 12.27 17.36
C VAL A 330 -24.45 11.90 16.14
N TRP A 331 -25.11 11.69 15.00
CA TRP A 331 -24.40 11.56 13.74
C TRP A 331 -23.87 12.92 13.31
N LYS A 332 -22.60 12.97 12.95
CA LYS A 332 -21.96 14.22 12.55
C LYS A 332 -21.87 14.29 11.03
N GLN A 333 -22.13 15.48 10.49
CA GLN A 333 -22.21 15.62 9.04
C GLN A 333 -20.84 15.55 8.39
N SER A 334 -19.80 15.94 9.11
CA SER A 334 -18.46 16.03 8.56
C SER A 334 -17.43 15.66 9.60
N LEU A 335 -16.32 15.09 9.12
CA LEU A 335 -15.12 14.93 9.94
C LEU A 335 -14.59 16.25 10.45
N THR A 336 -14.90 17.35 9.75
CA THR A 336 -14.53 18.68 10.21
C THR A 336 -15.07 18.97 11.60
N GLU A 337 -16.21 18.38 11.95
CA GLU A 337 -16.89 18.67 13.21
C GLU A 337 -16.29 17.93 14.40
N LEU A 338 -15.32 17.06 14.19
CA LEU A 338 -14.70 16.30 15.26
C LEU A 338 -13.57 17.09 15.90
N SER A 339 -13.30 16.79 17.17
CA SER A 339 -12.18 17.39 17.86
C SER A 339 -10.87 16.84 17.29
N GLY A 340 -9.75 17.40 17.76
CA GLY A 340 -8.45 16.93 17.31
C GLY A 340 -8.20 15.48 17.67
N GLY A 341 -8.51 15.10 18.91
CA GLY A 341 -8.31 13.72 19.33
C GLY A 341 -9.26 12.75 18.66
N GLN A 342 -10.51 13.18 18.45
CA GLN A 342 -11.48 12.32 17.76
C GLN A 342 -11.08 12.08 16.32
N ARG A 343 -10.50 13.09 15.66
CA ARG A 343 -10.04 12.91 14.28
C ARG A 343 -8.87 11.94 14.21
N SER A 344 -7.94 12.03 15.16
CA SER A 344 -6.82 11.08 15.18
C SER A 344 -7.30 9.66 15.41
N LEU A 345 -8.25 9.47 16.34
CA LEU A 345 -8.77 8.14 16.62
C LEU A 345 -9.57 7.61 15.43
N ILE A 346 -10.27 8.50 14.71
CA ILE A 346 -11.05 8.05 13.56
C ILE A 346 -10.14 7.59 12.43
N ALA A 347 -9.04 8.31 12.19
CA ALA A 347 -8.13 7.93 11.12
C ALA A 347 -7.32 6.70 11.52
N LEU A 348 -6.92 6.62 12.79
CA LEU A 348 -6.19 5.45 13.26
C LEU A 348 -7.06 4.20 13.20
N SER A 349 -8.35 4.34 13.51
CA SER A 349 -9.26 3.20 13.45
C SER A 349 -9.36 2.65 12.03
N LEU A 350 -9.40 3.54 11.04
CA LEU A 350 -9.50 3.09 9.65
C LEU A 350 -8.19 2.46 9.19
N ILE A 351 -7.06 3.04 9.59
CA ILE A 351 -5.75 2.49 9.22
C ILE A 351 -5.61 1.08 9.80
N MSE A 352 -5.95 0.91 11.07
CA MSE A 352 -5.78 -0.38 11.73
C MSE A 352 -6.76 -1.43 11.22
O MSE A 352 -6.46 -2.62 11.25
CB MSE A 352 -5.93 -0.22 13.25
CG MSE A 352 -4.88 0.68 13.88
SE MSE A 352 -5.00 0.77 15.82
CE MSE A 352 -3.62 -0.53 16.28
N ALA A 353 -7.91 -0.98 10.74
CA ALA A 353 -8.87 -1.92 10.16
C ALA A 353 -8.40 -2.47 8.82
N LEU A 354 -7.41 -1.85 8.19
CA LEU A 354 -6.91 -2.29 6.91
C LEU A 354 -5.59 -3.05 6.99
N LEU A 355 -4.99 -3.17 8.19
CA LEU A 355 -3.72 -3.87 8.33
C LEU A 355 -3.85 -5.35 7.96
N GLN A 356 -5.03 -5.93 8.16
CA GLN A 356 -5.22 -7.36 7.92
C GLN A 356 -5.03 -7.76 6.46
N PHE A 357 -5.14 -6.80 5.54
CA PHE A 357 -5.05 -7.12 4.12
C PHE A 357 -3.62 -7.11 3.60
N LYS A 358 -2.71 -6.39 4.25
CA LYS A 358 -1.28 -6.48 3.99
C LYS A 358 -0.56 -6.66 5.32
N PRO A 359 -0.68 -7.84 5.94
CA PRO A 359 -0.13 -8.03 7.28
C PRO A 359 1.39 -7.90 7.29
N ALA A 360 1.91 -7.65 8.49
CA ALA A 360 3.33 -7.52 8.74
C ALA A 360 3.63 -8.11 10.11
N PRO A 361 4.82 -8.71 10.28
CA PRO A 361 5.20 -9.23 11.61
C PRO A 361 5.42 -8.13 12.63
N MSE A 362 5.66 -6.90 12.17
CA MSE A 362 6.01 -5.79 13.03
C MSE A 362 5.29 -4.54 12.57
O MSE A 362 5.16 -4.31 11.37
CB MSE A 362 7.52 -5.59 13.03
CG MSE A 362 8.02 -4.39 13.81
SE MSE A 362 9.91 -4.12 13.42
CE MSE A 362 10.41 -5.98 13.14
N TYR A 363 4.82 -3.72 13.51
CA TYR A 363 4.18 -2.45 13.19
C TYR A 363 4.79 -1.36 14.07
N ILE A 364 4.94 -0.16 13.50
CA ILE A 364 5.54 0.97 14.20
C ILE A 364 4.52 2.10 14.21
N LEU A 365 4.18 2.58 15.40
CA LEU A 365 3.27 3.72 15.60
C LEU A 365 4.12 4.90 16.03
N ASP A 366 4.17 5.94 15.18
CA ASP A 366 5.09 7.06 15.37
C ASP A 366 4.31 8.33 15.68
N GLU A 367 4.23 8.67 16.96
CA GLU A 367 3.79 10.00 17.42
C GLU A 367 2.43 10.37 16.83
N VAL A 368 1.42 9.61 17.25
CA VAL A 368 0.04 9.86 16.85
C VAL A 368 -0.79 10.41 18.00
N ASP A 369 -0.15 10.76 19.12
CA ASP A 369 -0.83 10.98 20.39
C ASP A 369 -0.84 12.45 20.81
N ALA A 370 -0.59 13.38 19.88
CA ALA A 370 -0.55 14.79 20.25
C ALA A 370 -1.89 15.27 20.77
N ALA A 371 -2.97 14.91 20.09
CA ALA A 371 -4.31 15.32 20.46
C ALA A 371 -5.02 14.34 21.38
N LEU A 372 -4.32 13.29 21.83
CA LEU A 372 -4.93 12.23 22.60
C LEU A 372 -4.76 12.44 24.10
N ASP A 373 -5.68 11.86 24.87
CA ASP A 373 -5.53 11.78 26.30
C ASP A 373 -4.89 10.44 26.68
N LEU A 374 -4.57 10.29 27.96
CA LEU A 374 -3.95 9.05 28.43
C LEU A 374 -4.86 7.86 28.19
N SER A 375 -6.17 8.02 28.43
CA SER A 375 -7.10 6.91 28.27
C SER A 375 -7.14 6.43 26.84
N HIS A 376 -7.02 7.36 25.88
CA HIS A 376 -7.01 6.98 24.47
C HIS A 376 -5.80 6.11 24.15
N THR A 377 -4.63 6.46 24.69
CA THR A 377 -3.44 5.65 24.45
C THR A 377 -3.54 4.31 25.15
N GLN A 378 -4.22 4.26 26.31
CA GLN A 378 -4.46 2.97 26.96
C GLN A 378 -5.38 2.10 26.13
N ASN A 379 -6.40 2.69 25.50
CA ASN A 379 -7.29 1.91 24.65
C ASN A 379 -6.54 1.37 23.44
N ILE A 380 -5.69 2.21 22.83
CA ILE A 380 -4.85 1.74 21.74
C ILE A 380 -3.96 0.59 22.21
N GLY A 381 -3.41 0.70 23.42
CA GLY A 381 -2.54 -0.34 23.93
C GLY A 381 -3.27 -1.65 24.15
N ARG A 382 -4.50 -1.60 24.66
CA ARG A 382 -5.27 -2.82 24.86
C ARG A 382 -5.60 -3.49 23.53
N LEU A 383 -5.91 -2.67 22.52
CA LEU A 383 -6.18 -3.21 21.19
C LEU A 383 -4.96 -3.88 20.60
N ILE A 384 -3.77 -3.35 20.88
CA ILE A 384 -2.53 -3.93 20.37
C ILE A 384 -2.31 -5.32 20.96
N LYS A 385 -2.60 -5.48 22.25
CA LYS A 385 -2.25 -6.72 22.93
C LYS A 385 -3.24 -7.84 22.61
N THR A 386 -4.48 -7.47 22.25
CA THR A 386 -5.53 -8.45 22.00
C THR A 386 -5.90 -8.53 20.53
N ARG A 387 -6.60 -7.52 19.99
CA ARG A 387 -7.09 -7.63 18.61
C ARG A 387 -5.96 -7.82 17.61
N PHE A 388 -4.78 -7.29 17.91
CA PHE A 388 -3.62 -7.44 17.03
C PHE A 388 -2.54 -8.32 17.66
N LYS A 389 -2.94 -9.26 18.52
CA LYS A 389 -1.99 -10.25 19.02
C LYS A 389 -1.45 -11.06 17.86
N GLY A 390 -0.16 -11.39 17.94
CA GLY A 390 0.53 -12.07 16.86
C GLY A 390 1.45 -11.17 16.05
N SER A 391 1.38 -9.86 16.25
CA SER A 391 2.29 -8.90 15.63
C SER A 391 2.96 -8.06 16.70
N GLN A 392 4.20 -7.68 16.44
CA GLN A 392 4.99 -6.87 17.37
C GLN A 392 4.74 -5.40 17.06
N PHE A 393 4.33 -4.64 18.07
CA PHE A 393 4.08 -3.21 17.94
C PHE A 393 5.16 -2.44 18.67
N ILE A 394 5.73 -1.44 17.99
CA ILE A 394 6.62 -0.47 18.61
C ILE A 394 5.94 0.88 18.51
N VAL A 395 5.58 1.45 19.65
CA VAL A 395 4.85 2.72 19.71
C VAL A 395 5.80 3.78 20.20
N VAL A 396 6.15 4.72 19.31
CA VAL A 396 6.97 5.86 19.69
C VAL A 396 6.01 6.99 20.09
N SER A 397 5.95 7.25 21.40
CA SER A 397 5.05 8.27 21.92
C SER A 397 5.63 9.66 21.68
N LEU A 398 4.73 10.62 21.43
CA LEU A 398 5.17 12.00 21.36
C LEU A 398 5.31 12.60 22.75
N LYS A 399 4.27 12.52 23.55
CA LYS A 399 4.24 13.08 24.90
C LYS A 399 4.59 12.02 25.94
N ASP A 400 5.11 12.47 27.07
CA ASP A 400 5.49 11.56 28.13
C ASP A 400 4.26 11.08 28.89
N GLY A 401 4.42 9.93 29.56
CA GLY A 401 3.33 9.38 30.33
C GLY A 401 2.18 8.81 29.53
N MSE A 402 2.41 8.51 28.25
CA MSE A 402 1.40 7.89 27.41
C MSE A 402 1.72 6.41 27.20
O MSE A 402 2.88 6.00 27.36
CB MSE A 402 1.29 8.61 26.07
CG MSE A 402 1.09 10.10 26.19
SE MSE A 402 -0.71 10.58 26.78
CE MSE A 402 -0.25 12.00 28.03
N PHE A 403 0.72 5.62 26.82
CA PHE A 403 0.88 4.19 26.55
C PHE A 403 1.53 3.48 27.74
N GLN A 404 0.97 3.71 28.93
CA GLN A 404 1.56 3.19 30.15
C GLN A 404 1.34 1.69 30.31
N ASN A 405 0.38 1.11 29.59
CA ASN A 405 0.09 -0.31 29.68
C ASN A 405 0.97 -1.15 28.75
N ALA A 406 2.05 -0.57 28.22
CA ALA A 406 2.97 -1.32 27.39
C ALA A 406 3.72 -2.36 28.23
N ASN A 407 4.03 -3.49 27.59
CA ASN A 407 4.77 -4.54 28.27
C ASN A 407 6.21 -4.11 28.54
N ARG A 408 6.82 -3.41 27.60
CA ARG A 408 8.18 -2.87 27.77
C ARG A 408 8.16 -1.39 27.42
N ILE A 409 8.75 -0.57 28.29
CA ILE A 409 8.83 0.87 28.08
C ILE A 409 10.31 1.26 28.10
N PHE A 410 10.72 2.02 27.09
CA PHE A 410 12.08 2.53 26.98
C PHE A 410 12.04 4.05 27.05
N ARG A 411 12.52 4.60 28.16
CA ARG A 411 12.55 6.04 28.38
C ARG A 411 13.92 6.59 28.01
N VAL A 412 13.95 7.56 27.10
CA VAL A 412 15.18 8.17 26.62
C VAL A 412 15.41 9.48 27.36
N ARG A 413 16.60 9.64 27.92
CA ARG A 413 17.06 10.90 28.49
C ARG A 413 18.41 11.24 27.87
N PHE A 414 18.93 12.42 28.21
CA PHE A 414 20.22 12.87 27.72
C PHE A 414 21.15 13.07 28.92
N SER A 415 22.32 12.42 28.87
CA SER A 415 23.25 12.48 29.99
C SER A 415 24.68 12.43 29.47
N GLU A 416 25.46 13.43 29.85
CA GLU A 416 26.89 13.47 29.56
C GLU A 416 27.17 13.37 28.06
N GLY A 417 26.39 14.12 27.27
CA GLY A 417 26.63 14.22 25.85
C GLY A 417 26.11 13.08 25.00
N THR A 418 25.43 12.10 25.60
CA THR A 418 24.87 10.99 24.83
C THR A 418 23.46 10.70 25.32
N SER A 419 22.66 10.10 24.44
CA SER A 419 21.33 9.66 24.83
C SER A 419 21.43 8.35 25.58
N VAL A 420 20.64 8.23 26.65
CA VAL A 420 20.64 7.05 27.50
C VAL A 420 19.21 6.55 27.63
N VAL A 421 19.04 5.24 27.62
CA VAL A 421 17.73 4.60 27.59
C VAL A 421 17.53 3.83 28.89
N GLN A 422 16.40 4.06 29.53
CA GLN A 422 16.00 3.31 30.73
C GLN A 422 14.91 2.33 30.34
N ALA A 423 15.16 1.04 30.54
CA ALA A 423 14.20 0.01 30.19
C ALA A 423 13.34 -0.32 31.40
N LEU A 424 12.03 -0.33 31.21
CA LEU A 424 11.09 -0.66 32.25
C LEU A 424 10.18 -1.79 31.80
N THR A 425 9.69 -2.56 32.78
CA THR A 425 8.69 -3.60 32.54
C THR A 425 7.56 -3.36 33.52
N PRO A 426 6.51 -2.64 33.12
CA PRO A 426 5.34 -2.49 34.00
C PRO A 426 4.79 -3.84 34.42
N ALA A 427 4.03 -3.81 35.52
CA ALA A 427 3.75 -5.01 36.32
C ALA A 427 5.04 -5.68 36.75
N ASP A 428 5.99 -4.86 37.20
CA ASP A 428 7.35 -5.24 37.66
C ASP A 428 7.72 -6.72 37.57
#